data_5EFM
# 
_entry.id   5EFM 
# 
_audit_conform.dict_name       mmcif_pdbx.dic 
_audit_conform.dict_version    5.397 
_audit_conform.dict_location   http://mmcif.pdb.org/dictionaries/ascii/mmcif_pdbx.dic 
# 
loop_
_database_2.database_id 
_database_2.database_code 
_database_2.pdbx_database_accession 
_database_2.pdbx_DOI 
PDB   5EFM         pdb_00005efm 10.2210/pdb5efm/pdb 
WWPDB D_1000214787 ?            ?                   
# 
loop_
_pdbx_audit_revision_history.ordinal 
_pdbx_audit_revision_history.data_content_type 
_pdbx_audit_revision_history.major_revision 
_pdbx_audit_revision_history.minor_revision 
_pdbx_audit_revision_history.revision_date 
1 'Structure model' 1 0 2016-07-20 
2 'Structure model' 1 1 2017-11-22 
3 'Structure model' 1 2 2024-10-16 
# 
_pdbx_audit_revision_details.ordinal             1 
_pdbx_audit_revision_details.revision_ordinal    1 
_pdbx_audit_revision_details.data_content_type   'Structure model' 
_pdbx_audit_revision_details.provider            repository 
_pdbx_audit_revision_details.type                'Initial release' 
_pdbx_audit_revision_details.description         ? 
_pdbx_audit_revision_details.details             ? 
# 
loop_
_pdbx_audit_revision_group.ordinal 
_pdbx_audit_revision_group.revision_ordinal 
_pdbx_audit_revision_group.data_content_type 
_pdbx_audit_revision_group.group 
1 2 'Structure model' 'Database references'    
2 2 'Structure model' 'Derived calculations'   
3 2 'Structure model' 'Refinement description' 
4 3 'Structure model' 'Data collection'        
5 3 'Structure model' 'Database references'    
6 3 'Structure model' 'Structure summary'      
# 
loop_
_pdbx_audit_revision_category.ordinal 
_pdbx_audit_revision_category.revision_ordinal 
_pdbx_audit_revision_category.data_content_type 
_pdbx_audit_revision_category.category 
1 2 'Structure model' citation                  
2 2 'Structure model' pdbx_struct_oper_list     
3 2 'Structure model' software                  
4 3 'Structure model' chem_comp_atom            
5 3 'Structure model' chem_comp_bond            
6 3 'Structure model' database_2                
7 3 'Structure model' pdbx_entry_details        
8 3 'Structure model' pdbx_modification_feature 
# 
loop_
_pdbx_audit_revision_item.ordinal 
_pdbx_audit_revision_item.revision_ordinal 
_pdbx_audit_revision_item.data_content_type 
_pdbx_audit_revision_item.item 
1 2 'Structure model' '_citation.journal_id_CSD'                  
2 2 'Structure model' '_pdbx_struct_oper_list.symmetry_operation' 
3 2 'Structure model' '_software.classification'                  
4 3 'Structure model' '_database_2.pdbx_DOI'                      
5 3 'Structure model' '_database_2.pdbx_database_accession'       
# 
_pdbx_database_status.status_code                     REL 
_pdbx_database_status.status_code_sf                  REL 
_pdbx_database_status.status_code_mr                  ? 
_pdbx_database_status.entry_id                        5EFM 
_pdbx_database_status.recvd_initial_deposition_date   2015-10-23 
_pdbx_database_status.SG_entry                        N 
_pdbx_database_status.deposit_site                    RCSB 
_pdbx_database_status.process_site                    RCSB 
_pdbx_database_status.status_code_cs                  ? 
_pdbx_database_status.methods_development_category    ? 
_pdbx_database_status.pdb_format_compatible           Y 
_pdbx_database_status.status_code_nmr_data            ? 
# 
loop_
_audit_author.name 
_audit_author.pdbx_ordinal 
'Sinha, S.' 1 
'Mei, Y.'   2 
# 
_citation.abstract                  ? 
_citation.abstract_id_CAS           ? 
_citation.book_id_ISBN              ? 
_citation.book_publisher            ? 
_citation.book_publisher_city       ? 
_citation.book_title                ? 
_citation.coordinate_linkage        ? 
_citation.country                   US 
_citation.database_id_Medline       ? 
_citation.details                   ? 
_citation.id                        primary 
_citation.journal_abbrev            Biochemistry 
_citation.journal_id_ASTM           BICHAW 
_citation.journal_id_CSD            0033 
_citation.journal_id_ISSN           0006-2960 
_citation.journal_full              ? 
_citation.journal_issue             ? 
_citation.journal_volume            55 
_citation.language                  ? 
_citation.page_first                1945 
_citation.page_last                 1958 
_citation.title                     
'Conformational Flexibility Enables the Function of a BECN1 Region Essential for Starvation-Mediated Autophagy.' 
_citation.year                      2016 
_citation.database_id_CSD           ? 
_citation.pdbx_database_id_DOI      10.1021/acs.biochem.5b01264 
_citation.pdbx_database_id_PubMed   26937551 
_citation.unpublished_flag          ? 
# 
loop_
_citation_author.citation_id 
_citation_author.name 
_citation_author.ordinal 
_citation_author.identifier_ORCID 
primary 'Mei, Y.'          1 ? 
primary 'Ramanathan, A.'   2 ? 
primary 'Glover, K.'       3 ? 
primary 'Stanley, C.'      4 ? 
primary 'Sanishvili, R.'   5 ? 
primary 'Chakravarthy, S.' 6 ? 
primary 'Yang, Z.'         7 ? 
primary 'Colbert, C.L.'    8 ? 
primary 'Sinha, S.C.'      9 ? 
# 
loop_
_entity.id 
_entity.type 
_entity.src_method 
_entity.pdbx_description 
_entity.formula_weight 
_entity.pdbx_number_of_molecules 
_entity.pdbx_ec 
_entity.pdbx_mutation 
_entity.pdbx_fragment 
_entity.details 
1 polymer     syn Beclin-1      3686.041 1 ? ? ? ? 
2 non-polymer syn 'SULFATE ION' 96.063   1 ? ? ? ? 
3 water       nat water         18.015   8 ? ? ? ? 
# 
_entity_name_com.entity_id   1 
_entity_name_com.name        'Coiled-coil myosin-like BCL2-interacting protein,Protein GT197' 
# 
_entity_poly.entity_id                      1 
_entity_poly.type                           'polypeptide(L)' 
_entity_poly.nstd_linkage                   no 
_entity_poly.nstd_monomer                   no 
_entity_poly.pdbx_seq_one_letter_code       TDTLLDQLDTQLNVTENECQNYKRCLEILEQ 
_entity_poly.pdbx_seq_one_letter_code_can   TDTLLDQLDTQLNVTENECQNYKRCLEILEQ 
_entity_poly.pdbx_strand_id                 A 
_entity_poly.pdbx_target_identifier         ? 
# 
loop_
_pdbx_entity_nonpoly.entity_id 
_pdbx_entity_nonpoly.name 
_pdbx_entity_nonpoly.comp_id 
2 'SULFATE ION' SO4 
3 water         HOH 
# 
loop_
_entity_poly_seq.entity_id 
_entity_poly_seq.num 
_entity_poly_seq.mon_id 
_entity_poly_seq.hetero 
1 1  THR n 
1 2  ASP n 
1 3  THR n 
1 4  LEU n 
1 5  LEU n 
1 6  ASP n 
1 7  GLN n 
1 8  LEU n 
1 9  ASP n 
1 10 THR n 
1 11 GLN n 
1 12 LEU n 
1 13 ASN n 
1 14 VAL n 
1 15 THR n 
1 16 GLU n 
1 17 ASN n 
1 18 GLU n 
1 19 CYS n 
1 20 GLN n 
1 21 ASN n 
1 22 TYR n 
1 23 LYS n 
1 24 ARG n 
1 25 CYS n 
1 26 LEU n 
1 27 GLU n 
1 28 ILE n 
1 29 LEU n 
1 30 GLU n 
1 31 GLN n 
# 
_pdbx_entity_src_syn.entity_id              1 
_pdbx_entity_src_syn.pdbx_src_id            1 
_pdbx_entity_src_syn.pdbx_alt_source_flag   sample 
_pdbx_entity_src_syn.pdbx_beg_seq_num       1 
_pdbx_entity_src_syn.pdbx_end_seq_num       31 
_pdbx_entity_src_syn.organism_scientific    'Homo sapiens' 
_pdbx_entity_src_syn.organism_common_name   Human 
_pdbx_entity_src_syn.ncbi_taxonomy_id       9606 
_pdbx_entity_src_syn.details                ? 
# 
loop_
_chem_comp.id 
_chem_comp.type 
_chem_comp.mon_nstd_flag 
_chem_comp.name 
_chem_comp.pdbx_synonyms 
_chem_comp.formula 
_chem_comp.formula_weight 
ARG 'L-peptide linking' y ARGININE        ? 'C6 H15 N4 O2 1' 175.209 
ASN 'L-peptide linking' y ASPARAGINE      ? 'C4 H8 N2 O3'    132.118 
ASP 'L-peptide linking' y 'ASPARTIC ACID' ? 'C4 H7 N O4'     133.103 
CYS 'L-peptide linking' y CYSTEINE        ? 'C3 H7 N O2 S'   121.158 
GLN 'L-peptide linking' y GLUTAMINE       ? 'C5 H10 N2 O3'   146.144 
GLU 'L-peptide linking' y 'GLUTAMIC ACID' ? 'C5 H9 N O4'     147.129 
HOH non-polymer         . WATER           ? 'H2 O'           18.015  
ILE 'L-peptide linking' y ISOLEUCINE      ? 'C6 H13 N O2'    131.173 
LEU 'L-peptide linking' y LEUCINE         ? 'C6 H13 N O2'    131.173 
LYS 'L-peptide linking' y LYSINE          ? 'C6 H15 N2 O2 1' 147.195 
SO4 non-polymer         . 'SULFATE ION'   ? 'O4 S -2'        96.063  
THR 'L-peptide linking' y THREONINE       ? 'C4 H9 N O3'     119.119 
TYR 'L-peptide linking' y TYROSINE        ? 'C9 H11 N O3'    181.189 
VAL 'L-peptide linking' y VALINE          ? 'C5 H11 N O2'    117.146 
# 
loop_
_pdbx_poly_seq_scheme.asym_id 
_pdbx_poly_seq_scheme.entity_id 
_pdbx_poly_seq_scheme.seq_id 
_pdbx_poly_seq_scheme.mon_id 
_pdbx_poly_seq_scheme.ndb_seq_num 
_pdbx_poly_seq_scheme.pdb_seq_num 
_pdbx_poly_seq_scheme.auth_seq_num 
_pdbx_poly_seq_scheme.pdb_mon_id 
_pdbx_poly_seq_scheme.auth_mon_id 
_pdbx_poly_seq_scheme.pdb_strand_id 
_pdbx_poly_seq_scheme.pdb_ins_code 
_pdbx_poly_seq_scheme.hetero 
A 1 1  THR 1  141 ?   ?   ?   A . n 
A 1 2  ASP 2  142 ?   ?   ?   A . n 
A 1 3  THR 3  143 ?   ?   ?   A . n 
A 1 4  LEU 4  144 ?   ?   ?   A . n 
A 1 5  LEU 5  145 ?   ?   ?   A . n 
A 1 6  ASP 6  146 ?   ?   ?   A . n 
A 1 7  GLN 7  147 ?   ?   ?   A . n 
A 1 8  LEU 8  148 ?   ?   ?   A . n 
A 1 9  ASP 9  149 ?   ?   ?   A . n 
A 1 10 THR 10 150 ?   ?   ?   A . n 
A 1 11 GLN 11 151 ?   ?   ?   A . n 
A 1 12 LEU 12 152 ?   ?   ?   A . n 
A 1 13 ASN 13 153 ?   ?   ?   A . n 
A 1 14 VAL 14 154 ?   ?   ?   A . n 
A 1 15 THR 15 155 ?   ?   ?   A . n 
A 1 16 GLU 16 156 ?   ?   ?   A . n 
A 1 17 ASN 17 157 157 ASN ASN A . n 
A 1 18 GLU 18 158 158 GLU GLU A . n 
A 1 19 CYS 19 159 159 CYS CYS A . n 
A 1 20 GLN 20 160 160 GLN GLN A . n 
A 1 21 ASN 21 161 161 ASN ASN A . n 
A 1 22 TYR 22 162 162 TYR TYR A . n 
A 1 23 LYS 23 163 163 LYS LYS A . n 
A 1 24 ARG 24 164 164 ARG ARG A . n 
A 1 25 CYS 25 165 165 CYS CYS A . n 
A 1 26 LEU 26 166 166 LEU LEU A . n 
A 1 27 GLU 27 167 167 GLU GLU A . n 
A 1 28 ILE 28 168 168 ILE ILE A . n 
A 1 29 LEU 29 169 169 LEU LEU A . n 
A 1 30 GLU 30 170 170 GLU GLU A . n 
A 1 31 GLN 31 171 171 GLN GLN A . n 
# 
loop_
_pdbx_nonpoly_scheme.asym_id 
_pdbx_nonpoly_scheme.entity_id 
_pdbx_nonpoly_scheme.mon_id 
_pdbx_nonpoly_scheme.ndb_seq_num 
_pdbx_nonpoly_scheme.pdb_seq_num 
_pdbx_nonpoly_scheme.auth_seq_num 
_pdbx_nonpoly_scheme.pdb_mon_id 
_pdbx_nonpoly_scheme.auth_mon_id 
_pdbx_nonpoly_scheme.pdb_strand_id 
_pdbx_nonpoly_scheme.pdb_ins_code 
B 2 SO4 1 201 1 SO4 SO4 A . 
C 3 HOH 1 301 5 HOH HOH A . 
C 3 HOH 2 302 2 HOH HOH A . 
C 3 HOH 3 303 1 HOH HOH A . 
C 3 HOH 4 304 4 HOH HOH A . 
C 3 HOH 5 305 8 HOH HOH A . 
C 3 HOH 6 306 7 HOH HOH A . 
C 3 HOH 7 307 6 HOH HOH A . 
C 3 HOH 8 308 3 HOH HOH A . 
# 
loop_
_software.citation_id 
_software.classification 
_software.compiler_name 
_software.compiler_version 
_software.contact_author 
_software.contact_author_email 
_software.date 
_software.description 
_software.dependencies 
_software.hardware 
_software.language 
_software.location 
_software.mods 
_software.name 
_software.os 
_software.os_version 
_software.type 
_software.version 
_software.pdbx_ordinal 
? refinement        ? ? ? ? ? ? ? ? ? ? ? PHENIX      ? ? ? .    1 
? 'data extraction' ? ? ? ? ? ? ? ? ? ? ? PDB_EXTRACT ? ? ? 3.15 2 
? 'data scaling'    ? ? ? ? ? ? ? ? ? ? ? XDS         ? ? ? .    3 
? 'model building'  ? ? ? ? ? ? ? ? ? ? ? Coot        ? ? ? .    4 
? phasing           ? ? ? ? ? ? ? ? ? ? ? SHELXD      ? ? ? .    5 
? 'data reduction'  ? ? ? ? ? ? ? ? ? ? ? XDS         ? ? ? .    6 
? 'data scaling'    ? ? ? ? ? ? ? ? ? ? ? XSCALE      ? ? ? .    7 
# 
_cell.length_a           63.163 
_cell.length_b           63.163 
_cell.length_c           63.163 
_cell.angle_alpha        90.000 
_cell.angle_beta         90.000 
_cell.angle_gamma        90.000 
_cell.entry_id           5EFM 
_cell.Z_PDB              24 
_cell.pdbx_unique_axis   ? 
# 
_symmetry.space_group_name_H-M             'P 43 3 2' 
_symmetry.entry_id                         5EFM 
_symmetry.pdbx_full_space_group_name_H-M   ? 
_symmetry.cell_setting                     ? 
_symmetry.Int_Tables_number                212 
# 
_exptl.absorpt_coefficient_mu     ? 
_exptl.absorpt_correction_T_max   ? 
_exptl.absorpt_correction_T_min   ? 
_exptl.absorpt_correction_type    ? 
_exptl.absorpt_process_details    ? 
_exptl.entry_id                   5EFM 
_exptl.crystals_number            1 
_exptl.details                    ? 
_exptl.method                     'X-RAY DIFFRACTION' 
_exptl.method_details             ? 
# 
_exptl_crystal.colour                      ? 
_exptl_crystal.density_diffrn              ? 
_exptl_crystal.density_Matthews            2.85 
_exptl_crystal.density_method              ? 
_exptl_crystal.density_percent_sol         56.82 
_exptl_crystal.description                 ? 
_exptl_crystal.F_000                       ? 
_exptl_crystal.id                          1 
_exptl_crystal.preparation                 ? 
_exptl_crystal.size_max                    ? 
_exptl_crystal.size_mid                    ? 
_exptl_crystal.size_min                    ? 
_exptl_crystal.size_rad                    ? 
_exptl_crystal.colour_lustre               ? 
_exptl_crystal.colour_modifier             ? 
_exptl_crystal.colour_primary              ? 
_exptl_crystal.density_meas                ? 
_exptl_crystal.density_meas_esd            ? 
_exptl_crystal.density_meas_gt             ? 
_exptl_crystal.density_meas_lt             ? 
_exptl_crystal.density_meas_temp           ? 
_exptl_crystal.density_meas_temp_esd       ? 
_exptl_crystal.density_meas_temp_gt        ? 
_exptl_crystal.density_meas_temp_lt        ? 
_exptl_crystal.pdbx_crystal_image_url      ? 
_exptl_crystal.pdbx_crystal_image_format   ? 
_exptl_crystal.pdbx_mosaicity              ? 
_exptl_crystal.pdbx_mosaicity_esd          ? 
# 
_exptl_crystal_grow.apparatus       ? 
_exptl_crystal_grow.atmosphere      ? 
_exptl_crystal_grow.crystal_id      1 
_exptl_crystal_grow.details         ? 
_exptl_crystal_grow.method          EVAPORATION 
_exptl_crystal_grow.method_ref      ? 
_exptl_crystal_grow.pH              5.6 
_exptl_crystal_grow.pressure        ? 
_exptl_crystal_grow.pressure_esd    ? 
_exptl_crystal_grow.seeding         ? 
_exptl_crystal_grow.seeding_ref     ? 
_exptl_crystal_grow.temp            293 
_exptl_crystal_grow.temp_details    ? 
_exptl_crystal_grow.temp_esd        ? 
_exptl_crystal_grow.time            ? 
_exptl_crystal_grow.pdbx_details    
'250mM potassium sodium tartrate tetrahydrate, 2.2 M ammonium sulfate, 100mM sodium citrate tribasic dihydrate (pH 5.6)' 
_exptl_crystal_grow.pdbx_pH_range   ? 
# 
_diffrn.ambient_environment    ? 
_diffrn.ambient_temp           100 
_diffrn.ambient_temp_details   ? 
_diffrn.ambient_temp_esd       ? 
_diffrn.crystal_id             1 
_diffrn.crystal_support        ? 
_diffrn.crystal_treatment      ? 
_diffrn.details                ? 
_diffrn.id                     1 
_diffrn.ambient_pressure       ? 
_diffrn.ambient_pressure_esd   ? 
_diffrn.ambient_pressure_gt    ? 
_diffrn.ambient_pressure_lt    ? 
_diffrn.ambient_temp_gt        ? 
_diffrn.ambient_temp_lt        ? 
# 
_diffrn_detector.details                      ? 
_diffrn_detector.detector                     'IMAGE PLATE' 
_diffrn_detector.diffrn_id                    1 
_diffrn_detector.type                         'MAR scanner 300 mm plate' 
_diffrn_detector.area_resol_mean              ? 
_diffrn_detector.dtime                        ? 
_diffrn_detector.pdbx_frames_total            ? 
_diffrn_detector.pdbx_collection_time_total   ? 
_diffrn_detector.pdbx_collection_date         2012-06-26 
# 
_diffrn_radiation.collimation                      ? 
_diffrn_radiation.diffrn_id                        1 
_diffrn_radiation.filter_edge                      ? 
_diffrn_radiation.inhomogeneity                    ? 
_diffrn_radiation.monochromator                    'Si (111)' 
_diffrn_radiation.polarisn_norm                    ? 
_diffrn_radiation.polarisn_ratio                   ? 
_diffrn_radiation.probe                            ? 
_diffrn_radiation.type                             ? 
_diffrn_radiation.xray_symbol                      ? 
_diffrn_radiation.wavelength_id                    1 
_diffrn_radiation.pdbx_monochromatic_or_laue_m_l   M 
_diffrn_radiation.pdbx_wavelength_list             ? 
_diffrn_radiation.pdbx_wavelength                  ? 
_diffrn_radiation.pdbx_diffrn_protocol             'SINGLE WAVELENGTH' 
_diffrn_radiation.pdbx_analyzer                    ? 
_diffrn_radiation.pdbx_scattering_type             x-ray 
# 
_diffrn_radiation_wavelength.id           1 
_diffrn_radiation_wavelength.wavelength   1.3776 
_diffrn_radiation_wavelength.wt           1.0 
# 
_diffrn_source.current                     ? 
_diffrn_source.details                     ? 
_diffrn_source.diffrn_id                   1 
_diffrn_source.power                       ? 
_diffrn_source.size                        ? 
_diffrn_source.source                      SYNCHROTRON 
_diffrn_source.target                      ? 
_diffrn_source.type                        'APS BEAMLINE 23-ID-D' 
_diffrn_source.voltage                     ? 
_diffrn_source.take-off_angle              ? 
_diffrn_source.pdbx_wavelength_list        1.3776 
_diffrn_source.pdbx_wavelength             ? 
_diffrn_source.pdbx_synchrotron_beamline   23-ID-D 
_diffrn_source.pdbx_synchrotron_site       APS 
# 
_reflns.B_iso_Wilson_estimate            ? 
_reflns.entry_id                         5EFM 
_reflns.data_reduction_details           ? 
_reflns.data_reduction_method            ? 
_reflns.d_resolution_high                1.95 
_reflns.d_resolution_low                 44.66 
_reflns.details                          ? 
_reflns.limit_h_max                      ? 
_reflns.limit_h_min                      ? 
_reflns.limit_k_max                      ? 
_reflns.limit_k_min                      ? 
_reflns.limit_l_max                      ? 
_reflns.limit_l_min                      ? 
_reflns.number_all                       ? 
_reflns.number_obs                       3490 
_reflns.observed_criterion               ? 
_reflns.observed_criterion_F_max         ? 
_reflns.observed_criterion_F_min         ? 
_reflns.observed_criterion_I_max         ? 
_reflns.observed_criterion_I_min         ? 
_reflns.observed_criterion_sigma_F       ? 
_reflns.observed_criterion_sigma_I       ? 
_reflns.percent_possible_obs             100 
_reflns.R_free_details                   ? 
_reflns.Rmerge_F_all                     ? 
_reflns.Rmerge_F_obs                     ? 
_reflns.Friedel_coverage                 ? 
_reflns.number_gt                        ? 
_reflns.threshold_expression             ? 
_reflns.pdbx_redundancy                  75.5 
_reflns.pdbx_Rmerge_I_obs                ? 
_reflns.pdbx_Rmerge_I_all                ? 
_reflns.pdbx_Rsym_value                  0.16 
_reflns.pdbx_netI_over_av_sigmaI         ? 
_reflns.pdbx_netI_over_sigmaI            26.3 
_reflns.pdbx_res_netI_over_av_sigmaI_2   ? 
_reflns.pdbx_res_netI_over_sigmaI_2      ? 
_reflns.pdbx_chi_squared                 ? 
_reflns.pdbx_scaling_rejects             ? 
_reflns.pdbx_d_res_high_opt              ? 
_reflns.pdbx_d_res_low_opt               ? 
_reflns.pdbx_d_res_opt_method            ? 
_reflns.phase_calculation_details        ? 
_reflns.pdbx_Rrim_I_all                  ? 
_reflns.pdbx_Rpim_I_all                  ? 
_reflns.pdbx_d_opt                       ? 
_reflns.pdbx_number_measured_all         ? 
_reflns.pdbx_diffrn_id                   1 
_reflns.pdbx_ordinal                     1 
_reflns.pdbx_CC_half                     ? 
_reflns.pdbx_R_split                     ? 
# 
_reflns_shell.d_res_high                  1.95 
_reflns_shell.d_res_low                   2.05 
_reflns_shell.meanI_over_sigI_all         ? 
_reflns_shell.meanI_over_sigI_obs         1.8 
_reflns_shell.number_measured_all         ? 
_reflns_shell.number_measured_obs         ? 
_reflns_shell.number_possible             ? 
_reflns_shell.number_unique_all           ? 
_reflns_shell.number_unique_obs           ? 
_reflns_shell.percent_possible_all        100 
_reflns_shell.percent_possible_obs        ? 
_reflns_shell.Rmerge_F_all                ? 
_reflns_shell.Rmerge_F_obs                ? 
_reflns_shell.Rmerge_I_all                ? 
_reflns_shell.Rmerge_I_obs                ? 
_reflns_shell.meanI_over_sigI_gt          ? 
_reflns_shell.meanI_over_uI_all           ? 
_reflns_shell.meanI_over_uI_gt            ? 
_reflns_shell.number_measured_gt          ? 
_reflns_shell.number_unique_gt            ? 
_reflns_shell.percent_possible_gt         ? 
_reflns_shell.Rmerge_F_gt                 ? 
_reflns_shell.Rmerge_I_gt                 ? 
_reflns_shell.pdbx_redundancy             78.1 
_reflns_shell.pdbx_Rsym_value             ? 
_reflns_shell.pdbx_chi_squared            ? 
_reflns_shell.pdbx_netI_over_sigmaI_all   ? 
_reflns_shell.pdbx_netI_over_sigmaI_obs   ? 
_reflns_shell.pdbx_Rrim_I_all             ? 
_reflns_shell.pdbx_Rpim_I_all             ? 
_reflns_shell.pdbx_rejects                ? 
_reflns_shell.pdbx_ordinal                1 
_reflns_shell.pdbx_diffrn_id              1 
_reflns_shell.pdbx_CC_half                ? 
_reflns_shell.pdbx_R_split                ? 
# 
_refine.entry_id                                 5EFM 
_refine.pdbx_refine_id                           'X-RAY DIFFRACTION' 
_refine.ls_d_res_high                            1.95 
_refine.ls_d_res_low                             44.66 
_refine.pdbx_ls_sigma_F                          1.340 
_refine.pdbx_data_cutoff_high_absF               ? 
_refine.pdbx_data_cutoff_low_absF                ? 
_refine.ls_percent_reflns_obs                    99.9700 
_refine.ls_number_reflns_obs                     3490 
_refine.ls_number_reflns_all                     ? 
_refine.pdbx_ls_cross_valid_method               'FREE R-VALUE' 
_refine.ls_matrix_type                           ? 
_refine.pdbx_R_Free_selection_details            ? 
_refine.details                                  ? 
_refine.ls_R_factor_all                          ? 
_refine.ls_R_factor_obs                          0.2119 
_refine.ls_R_factor_R_work                       0.2116 
_refine.ls_wR_factor_R_work                      ? 
_refine.ls_R_factor_R_free                       0.2164 
_refine.ls_wR_factor_R_free                      ? 
_refine.ls_percent_reflns_R_free                 4.8400 
_refine.ls_number_reflns_R_free                  169 
_refine.ls_number_reflns_R_work                  3321 
_refine.ls_R_factor_R_free_error                 ? 
_refine.B_iso_mean                               54.5300 
_refine.solvent_model_param_bsol                 ? 
_refine.solvent_model_param_ksol                 ? 
_refine.pdbx_isotropic_thermal_model             ? 
_refine.aniso_B[1][1]                            ? 
_refine.aniso_B[2][2]                            ? 
_refine.aniso_B[3][3]                            ? 
_refine.aniso_B[1][2]                            ? 
_refine.aniso_B[1][3]                            ? 
_refine.aniso_B[2][3]                            ? 
_refine.correlation_coeff_Fo_to_Fc               ? 
_refine.correlation_coeff_Fo_to_Fc_free          ? 
_refine.overall_SU_R_Cruickshank_DPI             ? 
_refine.pdbx_overall_SU_R_free_Cruickshank_DPI   ? 
_refine.pdbx_overall_SU_R_Blow_DPI               ? 
_refine.pdbx_overall_SU_R_free_Blow_DPI          ? 
_refine.overall_SU_R_free                        ? 
_refine.pdbx_overall_ESU_R                       ? 
_refine.pdbx_overall_ESU_R_Free                  ? 
_refine.overall_SU_ML                            0.0400 
_refine.overall_SU_B                             ? 
_refine.solvent_model_details                    'FLAT BULK SOLVENT MODEL' 
_refine.pdbx_solvent_vdw_probe_radii             1.1100 
_refine.pdbx_solvent_ion_probe_radii             ? 
_refine.pdbx_solvent_shrinkage_radii             0.9000 
_refine.ls_number_parameters                     ? 
_refine.ls_number_restraints                     ? 
_refine.pdbx_starting_model                      ? 
_refine.pdbx_method_to_determine_struct          SAD 
_refine.pdbx_stereochemistry_target_values       ML 
_refine.pdbx_stereochem_target_val_spec_case     ? 
_refine.overall_FOM_work_R_set                   0.6968 
_refine.B_iso_max                                132.280 
_refine.B_iso_min                                32.770 
_refine.pdbx_overall_phase_error                 32.4500 
_refine.occupancy_max                            ? 
_refine.occupancy_min                            ? 
_refine.pdbx_diffrn_id                           1 
_refine.pdbx_TLS_residual_ADP_flag               ? 
_refine.pdbx_ls_sigma_I                          ? 
_refine.pdbx_data_cutoff_high_rms_absF           ? 
_refine.ls_R_factor_R_free_error_details         ? 
# 
_refine_hist.cycle_id                         final 
_refine_hist.pdbx_refine_id                   'X-RAY DIFFRACTION' 
_refine_hist.d_res_high                       1.95 
_refine_hist.d_res_low                        44.66 
_refine_hist.pdbx_number_atoms_ligand         5 
_refine_hist.number_atoms_solvent             8 
_refine_hist.number_atoms_total               143 
_refine_hist.pdbx_number_residues_total       15 
_refine_hist.pdbx_B_iso_mean_ligand           53.02 
_refine_hist.pdbx_B_iso_mean_solvent          54.60 
_refine_hist.pdbx_number_atoms_protein        130 
_refine_hist.pdbx_number_atoms_nucleic_acid   0 
# 
loop_
_refine_ls_restr.pdbx_refine_id 
_refine_ls_restr.type 
_refine_ls_restr.number 
_refine_ls_restr.dev_ideal 
_refine_ls_restr.dev_ideal_target 
_refine_ls_restr.weight 
_refine_ls_restr.pdbx_restraint_function 
'X-RAY DIFFRACTION' f_bond_d           147 0.009  ? ? ? 
'X-RAY DIFFRACTION' f_angle_d          196 1.298  ? ? ? 
'X-RAY DIFFRACTION' f_chiral_restr     19  0.068  ? ? ? 
'X-RAY DIFFRACTION' f_plane_restr      27  0.004  ? ? ? 
'X-RAY DIFFRACTION' f_dihedral_angle_d 61  13.696 ? ? ? 
# 
_refine_ls_shell.d_res_high                       1.95 
_refine_ls_shell.d_res_low                        ? 
_refine_ls_shell.pdbx_total_number_of_bins_used   1 
_refine_ls_shell.percent_reflns_obs               100.0000 
_refine_ls_shell.number_reflns_R_work             3321 
_refine_ls_shell.R_factor_all                     ? 
_refine_ls_shell.R_factor_R_work                  0.2116 
_refine_ls_shell.R_factor_R_free                  0.2164 
_refine_ls_shell.percent_reflns_R_free            ? 
_refine_ls_shell.number_reflns_R_free             169 
_refine_ls_shell.R_factor_R_free_error            ? 
_refine_ls_shell.number_reflns_all                3490 
_refine_ls_shell.number_reflns_obs                ? 
_refine_ls_shell.pdbx_refine_id                   'X-RAY DIFFRACTION' 
_refine_ls_shell.R_factor_obs                     ? 
# 
_struct.entry_id                     5EFM 
_struct.title                        'Beclin 1 Flexible-helical Domian (FHD) (141-171)' 
_struct.pdbx_model_details           ? 
_struct.pdbx_formula_weight          ? 
_struct.pdbx_formula_weight_method   ? 
_struct.pdbx_model_type_details      ? 
_struct.pdbx_CASP_flag               ? 
# 
_struct_keywords.entry_id        5EFM 
_struct_keywords.text            'flexible helix, APOPTOSIS' 
_struct_keywords.pdbx_keywords   APOPTOSIS 
# 
loop_
_struct_asym.id 
_struct_asym.pdbx_blank_PDB_chainid_flag 
_struct_asym.pdbx_modified 
_struct_asym.entity_id 
_struct_asym.details 
A N N 1 ? 
B N N 2 ? 
C N N 3 ? 
# 
_struct_ref.db_code                    BECN1_HUMAN 
_struct_ref.db_name                    UNP 
_struct_ref.details                    ? 
_struct_ref.entity_id                  1 
_struct_ref.id                         1 
_struct_ref.seq_align                  ? 
_struct_ref.seq_dif                    ? 
_struct_ref.pdbx_db_accession          Q14457 
_struct_ref.pdbx_db_isoform            ? 
_struct_ref.pdbx_seq_one_letter_code   TDTLLDQLDTQLNVTENECQNYKRCLEILEQ 
_struct_ref.pdbx_align_begin           141 
_struct_ref.pdbx_align_end             ? 
# 
_struct_ref_seq.align_id                      1 
_struct_ref_seq.ref_id                        1 
_struct_ref_seq.pdbx_PDB_id_code              5EFM 
_struct_ref_seq.pdbx_strand_id                A 
_struct_ref_seq.seq_align_beg                 1 
_struct_ref_seq.pdbx_seq_align_beg_ins_code   ? 
_struct_ref_seq.seq_align_end                 31 
_struct_ref_seq.pdbx_seq_align_end_ins_code   ? 
_struct_ref_seq.pdbx_db_accession             Q14457 
_struct_ref_seq.db_align_beg                  141 
_struct_ref_seq.pdbx_db_align_beg_ins_code    ? 
_struct_ref_seq.db_align_end                  171 
_struct_ref_seq.pdbx_db_align_end_ins_code    ? 
_struct_ref_seq.pdbx_auth_seq_align_beg       141 
_struct_ref_seq.pdbx_auth_seq_align_end       171 
# 
_pdbx_struct_assembly.id                   1 
_pdbx_struct_assembly.details              author_and_software_defined_assembly 
_pdbx_struct_assembly.method_details       PISA 
_pdbx_struct_assembly.oligomeric_details   trimeric 
_pdbx_struct_assembly.oligomeric_count     3 
# 
loop_
_pdbx_struct_assembly_prop.biol_id 
_pdbx_struct_assembly_prop.type 
_pdbx_struct_assembly_prop.value 
_pdbx_struct_assembly_prop.details 
1 'ABSA (A^2)' 2470 ? 
1 MORE         -77  ? 
1 'SSA (A^2)'  3530 ? 
# 
_pdbx_struct_assembly_gen.assembly_id       1 
_pdbx_struct_assembly_gen.oper_expression   1,2,3 
_pdbx_struct_assembly_gen.asym_id_list      A,B,C 
# 
loop_
_pdbx_struct_oper_list.id 
_pdbx_struct_oper_list.type 
_pdbx_struct_oper_list.name 
_pdbx_struct_oper_list.symmetry_operation 
_pdbx_struct_oper_list.matrix[1][1] 
_pdbx_struct_oper_list.matrix[1][2] 
_pdbx_struct_oper_list.matrix[1][3] 
_pdbx_struct_oper_list.vector[1] 
_pdbx_struct_oper_list.matrix[2][1] 
_pdbx_struct_oper_list.matrix[2][2] 
_pdbx_struct_oper_list.matrix[2][3] 
_pdbx_struct_oper_list.vector[2] 
_pdbx_struct_oper_list.matrix[3][1] 
_pdbx_struct_oper_list.matrix[3][2] 
_pdbx_struct_oper_list.matrix[3][3] 
_pdbx_struct_oper_list.vector[3] 
1 'identity operation'         1_555  x,y,z             1.0000000000  0.0000000000 0.0000000000  0.0000000000  0.0000000000 1.0000000000 0.0000000000  0.0000000000 0.0000000000  0.0000000000  1.0000000000  0.0000000000   
2 'crystal symmetry operation' 6_566  z+1/2,-x+3/2,-y+1 -0.4812177729 0.1284590682 0.8671376608  -1.1048832172 0.2048025953 0.9783036058 -0.0312722213 0.5921865038 -0.8523411008 0.1625432947  -0.4970858329 -10.5327673014 
3 'crystal symmetry operation' 12_664 -y+3/2,-z+1,x-1/2 -0.4812177729 0.2048025953 -0.8523411008 -9.6304812496 0.1284590682 0.9783036058 0.1625432947  1.2746247760 0.8671376608  -0.0312722213 -0.4970858329 -4.2590845713 
# 
_struct_conf.conf_type_id            HELX_P 
_struct_conf.id                      HELX_P1 
_struct_conf.pdbx_PDB_helix_id       AA1 
_struct_conf.beg_label_comp_id       CYS 
_struct_conf.beg_label_asym_id       A 
_struct_conf.beg_label_seq_id        19 
_struct_conf.pdbx_beg_PDB_ins_code   ? 
_struct_conf.end_label_comp_id       GLU 
_struct_conf.end_label_asym_id       A 
_struct_conf.end_label_seq_id        30 
_struct_conf.pdbx_end_PDB_ins_code   ? 
_struct_conf.beg_auth_comp_id        CYS 
_struct_conf.beg_auth_asym_id        A 
_struct_conf.beg_auth_seq_id         159 
_struct_conf.end_auth_comp_id        GLU 
_struct_conf.end_auth_asym_id        A 
_struct_conf.end_auth_seq_id         170 
_struct_conf.pdbx_PDB_helix_class    1 
_struct_conf.details                 ? 
_struct_conf.pdbx_PDB_helix_length   12 
# 
_struct_conf_type.id          HELX_P 
_struct_conf_type.criteria    ? 
_struct_conf_type.reference   ? 
# 
_struct_conn.id                            disulf1 
_struct_conn.conn_type_id                  disulf 
_struct_conn.pdbx_leaving_atom_flag        ? 
_struct_conn.pdbx_PDB_id                   ? 
_struct_conn.ptnr1_label_asym_id           A 
_struct_conn.ptnr1_label_comp_id           CYS 
_struct_conn.ptnr1_label_seq_id            19 
_struct_conn.ptnr1_label_atom_id           SG 
_struct_conn.pdbx_ptnr1_label_alt_id       ? 
_struct_conn.pdbx_ptnr1_PDB_ins_code       ? 
_struct_conn.pdbx_ptnr1_standard_comp_id   ? 
_struct_conn.ptnr1_symmetry                1_555 
_struct_conn.ptnr2_label_asym_id           A 
_struct_conn.ptnr2_label_comp_id           CYS 
_struct_conn.ptnr2_label_seq_id            25 
_struct_conn.ptnr2_label_atom_id           SG 
_struct_conn.pdbx_ptnr2_label_alt_id       ? 
_struct_conn.pdbx_ptnr2_PDB_ins_code       ? 
_struct_conn.ptnr1_auth_asym_id            A 
_struct_conn.ptnr1_auth_comp_id            CYS 
_struct_conn.ptnr1_auth_seq_id             159 
_struct_conn.ptnr2_auth_asym_id            A 
_struct_conn.ptnr2_auth_comp_id            CYS 
_struct_conn.ptnr2_auth_seq_id             165 
_struct_conn.ptnr2_symmetry                6_566 
_struct_conn.pdbx_ptnr3_label_atom_id      ? 
_struct_conn.pdbx_ptnr3_label_seq_id       ? 
_struct_conn.pdbx_ptnr3_label_comp_id      ? 
_struct_conn.pdbx_ptnr3_label_asym_id      ? 
_struct_conn.pdbx_ptnr3_label_alt_id       ? 
_struct_conn.pdbx_ptnr3_PDB_ins_code       ? 
_struct_conn.details                       ? 
_struct_conn.pdbx_dist_value               2.058 
_struct_conn.pdbx_value_order              ? 
_struct_conn.pdbx_role                     ? 
# 
_struct_conn_type.id          disulf 
_struct_conn_type.criteria    ? 
_struct_conn_type.reference   ? 
# 
_pdbx_modification_feature.ordinal                            1 
_pdbx_modification_feature.label_comp_id                      CYS 
_pdbx_modification_feature.label_asym_id                      A 
_pdbx_modification_feature.label_seq_id                       19 
_pdbx_modification_feature.label_alt_id                       ? 
_pdbx_modification_feature.modified_residue_label_comp_id     CYS 
_pdbx_modification_feature.modified_residue_label_asym_id     A 
_pdbx_modification_feature.modified_residue_label_seq_id      25 
_pdbx_modification_feature.modified_residue_label_alt_id      ? 
_pdbx_modification_feature.auth_comp_id                       CYS 
_pdbx_modification_feature.auth_asym_id                       A 
_pdbx_modification_feature.auth_seq_id                        159 
_pdbx_modification_feature.PDB_ins_code                       ? 
_pdbx_modification_feature.symmetry                           1_555 
_pdbx_modification_feature.modified_residue_auth_comp_id      CYS 
_pdbx_modification_feature.modified_residue_auth_asym_id      A 
_pdbx_modification_feature.modified_residue_auth_seq_id       165 
_pdbx_modification_feature.modified_residue_PDB_ins_code      ? 
_pdbx_modification_feature.modified_residue_symmetry          6_566 
_pdbx_modification_feature.comp_id_linking_atom               SG 
_pdbx_modification_feature.modified_residue_id_linking_atom   SG 
_pdbx_modification_feature.modified_residue_id                . 
_pdbx_modification_feature.ref_pcm_id                         . 
_pdbx_modification_feature.ref_comp_id                        . 
_pdbx_modification_feature.type                               None 
_pdbx_modification_feature.category                           'Disulfide bridge' 
# 
_struct_site.id                   AC1 
_struct_site.pdbx_evidence_code   Software 
_struct_site.pdbx_auth_asym_id    A 
_struct_site.pdbx_auth_comp_id    SO4 
_struct_site.pdbx_auth_seq_id     201 
_struct_site.pdbx_auth_ins_code   ? 
_struct_site.pdbx_num_residues    6 
_struct_site.details              'binding site for residue SO4 A 201' 
# 
loop_
_struct_site_gen.id 
_struct_site_gen.site_id 
_struct_site_gen.pdbx_num_res 
_struct_site_gen.label_comp_id 
_struct_site_gen.label_asym_id 
_struct_site_gen.label_seq_id 
_struct_site_gen.pdbx_auth_ins_code 
_struct_site_gen.auth_comp_id 
_struct_site_gen.auth_asym_id 
_struct_site_gen.auth_seq_id 
_struct_site_gen.label_atom_id 
_struct_site_gen.label_alt_id 
_struct_site_gen.symmetry 
_struct_site_gen.details 
1 AC1 6 ASN A 21 ? ASN A 161 . ? 12_664 ? 
2 AC1 6 ASN A 21 ? ASN A 161 . ? 1_555  ? 
3 AC1 6 ASN A 21 ? ASN A 161 . ? 6_566  ? 
4 AC1 6 TYR A 22 ? TYR A 162 . ? 6_566  ? 
5 AC1 6 TYR A 22 ? TYR A 162 . ? 12_664 ? 
6 AC1 6 TYR A 22 ? TYR A 162 . ? 1_555  ? 
# 
_pdbx_entry_details.entry_id                   5EFM 
_pdbx_entry_details.compound_details           ? 
_pdbx_entry_details.source_details             ? 
_pdbx_entry_details.nonpolymer_details         ? 
_pdbx_entry_details.sequence_details           ? 
_pdbx_entry_details.has_ligand_of_interest     ? 
_pdbx_entry_details.has_protein_modification   Y 
# 
loop_
_pdbx_struct_special_symmetry.id 
_pdbx_struct_special_symmetry.PDB_model_num 
_pdbx_struct_special_symmetry.auth_asym_id 
_pdbx_struct_special_symmetry.auth_comp_id 
_pdbx_struct_special_symmetry.auth_seq_id 
_pdbx_struct_special_symmetry.PDB_ins_code 
_pdbx_struct_special_symmetry.label_asym_id 
_pdbx_struct_special_symmetry.label_comp_id 
_pdbx_struct_special_symmetry.label_seq_id 
1 1 A SO4 201 ? B SO4 . 
2 1 A SO4 201 ? B SO4 . 
3 1 A HOH 306 ? C HOH . 
# 
loop_
_pdbx_unobs_or_zero_occ_residues.id 
_pdbx_unobs_or_zero_occ_residues.PDB_model_num 
_pdbx_unobs_or_zero_occ_residues.polymer_flag 
_pdbx_unobs_or_zero_occ_residues.occupancy_flag 
_pdbx_unobs_or_zero_occ_residues.auth_asym_id 
_pdbx_unobs_or_zero_occ_residues.auth_comp_id 
_pdbx_unobs_or_zero_occ_residues.auth_seq_id 
_pdbx_unobs_or_zero_occ_residues.PDB_ins_code 
_pdbx_unobs_or_zero_occ_residues.label_asym_id 
_pdbx_unobs_or_zero_occ_residues.label_comp_id 
_pdbx_unobs_or_zero_occ_residues.label_seq_id 
1  1 Y 1 A THR 141 ? A THR 1  
2  1 Y 1 A ASP 142 ? A ASP 2  
3  1 Y 1 A THR 143 ? A THR 3  
4  1 Y 1 A LEU 144 ? A LEU 4  
5  1 Y 1 A LEU 145 ? A LEU 5  
6  1 Y 1 A ASP 146 ? A ASP 6  
7  1 Y 1 A GLN 147 ? A GLN 7  
8  1 Y 1 A LEU 148 ? A LEU 8  
9  1 Y 1 A ASP 149 ? A ASP 9  
10 1 Y 1 A THR 150 ? A THR 10 
11 1 Y 1 A GLN 151 ? A GLN 11 
12 1 Y 1 A LEU 152 ? A LEU 12 
13 1 Y 1 A ASN 153 ? A ASN 13 
14 1 Y 1 A VAL 154 ? A VAL 14 
15 1 Y 1 A THR 155 ? A THR 15 
16 1 Y 1 A GLU 156 ? A GLU 16 
# 
loop_
_chem_comp_atom.comp_id 
_chem_comp_atom.atom_id 
_chem_comp_atom.type_symbol 
_chem_comp_atom.pdbx_aromatic_flag 
_chem_comp_atom.pdbx_stereo_config 
_chem_comp_atom.pdbx_ordinal 
ARG N    N N N 1   
ARG CA   C N S 2   
ARG C    C N N 3   
ARG O    O N N 4   
ARG CB   C N N 5   
ARG CG   C N N 6   
ARG CD   C N N 7   
ARG NE   N N N 8   
ARG CZ   C N N 9   
ARG NH1  N N N 10  
ARG NH2  N N N 11  
ARG OXT  O N N 12  
ARG H    H N N 13  
ARG H2   H N N 14  
ARG HA   H N N 15  
ARG HB2  H N N 16  
ARG HB3  H N N 17  
ARG HG2  H N N 18  
ARG HG3  H N N 19  
ARG HD2  H N N 20  
ARG HD3  H N N 21  
ARG HE   H N N 22  
ARG HH11 H N N 23  
ARG HH12 H N N 24  
ARG HH21 H N N 25  
ARG HH22 H N N 26  
ARG HXT  H N N 27  
ASN N    N N N 28  
ASN CA   C N S 29  
ASN C    C N N 30  
ASN O    O N N 31  
ASN CB   C N N 32  
ASN CG   C N N 33  
ASN OD1  O N N 34  
ASN ND2  N N N 35  
ASN OXT  O N N 36  
ASN H    H N N 37  
ASN H2   H N N 38  
ASN HA   H N N 39  
ASN HB2  H N N 40  
ASN HB3  H N N 41  
ASN HD21 H N N 42  
ASN HD22 H N N 43  
ASN HXT  H N N 44  
ASP N    N N N 45  
ASP CA   C N S 46  
ASP C    C N N 47  
ASP O    O N N 48  
ASP CB   C N N 49  
ASP CG   C N N 50  
ASP OD1  O N N 51  
ASP OD2  O N N 52  
ASP OXT  O N N 53  
ASP H    H N N 54  
ASP H2   H N N 55  
ASP HA   H N N 56  
ASP HB2  H N N 57  
ASP HB3  H N N 58  
ASP HD2  H N N 59  
ASP HXT  H N N 60  
CYS N    N N N 61  
CYS CA   C N R 62  
CYS C    C N N 63  
CYS O    O N N 64  
CYS CB   C N N 65  
CYS SG   S N N 66  
CYS OXT  O N N 67  
CYS H    H N N 68  
CYS H2   H N N 69  
CYS HA   H N N 70  
CYS HB2  H N N 71  
CYS HB3  H N N 72  
CYS HG   H N N 73  
CYS HXT  H N N 74  
GLN N    N N N 75  
GLN CA   C N S 76  
GLN C    C N N 77  
GLN O    O N N 78  
GLN CB   C N N 79  
GLN CG   C N N 80  
GLN CD   C N N 81  
GLN OE1  O N N 82  
GLN NE2  N N N 83  
GLN OXT  O N N 84  
GLN H    H N N 85  
GLN H2   H N N 86  
GLN HA   H N N 87  
GLN HB2  H N N 88  
GLN HB3  H N N 89  
GLN HG2  H N N 90  
GLN HG3  H N N 91  
GLN HE21 H N N 92  
GLN HE22 H N N 93  
GLN HXT  H N N 94  
GLU N    N N N 95  
GLU CA   C N S 96  
GLU C    C N N 97  
GLU O    O N N 98  
GLU CB   C N N 99  
GLU CG   C N N 100 
GLU CD   C N N 101 
GLU OE1  O N N 102 
GLU OE2  O N N 103 
GLU OXT  O N N 104 
GLU H    H N N 105 
GLU H2   H N N 106 
GLU HA   H N N 107 
GLU HB2  H N N 108 
GLU HB3  H N N 109 
GLU HG2  H N N 110 
GLU HG3  H N N 111 
GLU HE2  H N N 112 
GLU HXT  H N N 113 
HOH O    O N N 114 
HOH H1   H N N 115 
HOH H2   H N N 116 
ILE N    N N N 117 
ILE CA   C N S 118 
ILE C    C N N 119 
ILE O    O N N 120 
ILE CB   C N S 121 
ILE CG1  C N N 122 
ILE CG2  C N N 123 
ILE CD1  C N N 124 
ILE OXT  O N N 125 
ILE H    H N N 126 
ILE H2   H N N 127 
ILE HA   H N N 128 
ILE HB   H N N 129 
ILE HG12 H N N 130 
ILE HG13 H N N 131 
ILE HG21 H N N 132 
ILE HG22 H N N 133 
ILE HG23 H N N 134 
ILE HD11 H N N 135 
ILE HD12 H N N 136 
ILE HD13 H N N 137 
ILE HXT  H N N 138 
LEU N    N N N 139 
LEU CA   C N S 140 
LEU C    C N N 141 
LEU O    O N N 142 
LEU CB   C N N 143 
LEU CG   C N N 144 
LEU CD1  C N N 145 
LEU CD2  C N N 146 
LEU OXT  O N N 147 
LEU H    H N N 148 
LEU H2   H N N 149 
LEU HA   H N N 150 
LEU HB2  H N N 151 
LEU HB3  H N N 152 
LEU HG   H N N 153 
LEU HD11 H N N 154 
LEU HD12 H N N 155 
LEU HD13 H N N 156 
LEU HD21 H N N 157 
LEU HD22 H N N 158 
LEU HD23 H N N 159 
LEU HXT  H N N 160 
LYS N    N N N 161 
LYS CA   C N S 162 
LYS C    C N N 163 
LYS O    O N N 164 
LYS CB   C N N 165 
LYS CG   C N N 166 
LYS CD   C N N 167 
LYS CE   C N N 168 
LYS NZ   N N N 169 
LYS OXT  O N N 170 
LYS H    H N N 171 
LYS H2   H N N 172 
LYS HA   H N N 173 
LYS HB2  H N N 174 
LYS HB3  H N N 175 
LYS HG2  H N N 176 
LYS HG3  H N N 177 
LYS HD2  H N N 178 
LYS HD3  H N N 179 
LYS HE2  H N N 180 
LYS HE3  H N N 181 
LYS HZ1  H N N 182 
LYS HZ2  H N N 183 
LYS HZ3  H N N 184 
LYS HXT  H N N 185 
SO4 S    S N N 186 
SO4 O1   O N N 187 
SO4 O2   O N N 188 
SO4 O3   O N N 189 
SO4 O4   O N N 190 
THR N    N N N 191 
THR CA   C N S 192 
THR C    C N N 193 
THR O    O N N 194 
THR CB   C N R 195 
THR OG1  O N N 196 
THR CG2  C N N 197 
THR OXT  O N N 198 
THR H    H N N 199 
THR H2   H N N 200 
THR HA   H N N 201 
THR HB   H N N 202 
THR HG1  H N N 203 
THR HG21 H N N 204 
THR HG22 H N N 205 
THR HG23 H N N 206 
THR HXT  H N N 207 
TYR N    N N N 208 
TYR CA   C N S 209 
TYR C    C N N 210 
TYR O    O N N 211 
TYR CB   C N N 212 
TYR CG   C Y N 213 
TYR CD1  C Y N 214 
TYR CD2  C Y N 215 
TYR CE1  C Y N 216 
TYR CE2  C Y N 217 
TYR CZ   C Y N 218 
TYR OH   O N N 219 
TYR OXT  O N N 220 
TYR H    H N N 221 
TYR H2   H N N 222 
TYR HA   H N N 223 
TYR HB2  H N N 224 
TYR HB3  H N N 225 
TYR HD1  H N N 226 
TYR HD2  H N N 227 
TYR HE1  H N N 228 
TYR HE2  H N N 229 
TYR HH   H N N 230 
TYR HXT  H N N 231 
VAL N    N N N 232 
VAL CA   C N S 233 
VAL C    C N N 234 
VAL O    O N N 235 
VAL CB   C N N 236 
VAL CG1  C N N 237 
VAL CG2  C N N 238 
VAL OXT  O N N 239 
VAL H    H N N 240 
VAL H2   H N N 241 
VAL HA   H N N 242 
VAL HB   H N N 243 
VAL HG11 H N N 244 
VAL HG12 H N N 245 
VAL HG13 H N N 246 
VAL HG21 H N N 247 
VAL HG22 H N N 248 
VAL HG23 H N N 249 
VAL HXT  H N N 250 
# 
loop_
_chem_comp_bond.comp_id 
_chem_comp_bond.atom_id_1 
_chem_comp_bond.atom_id_2 
_chem_comp_bond.value_order 
_chem_comp_bond.pdbx_aromatic_flag 
_chem_comp_bond.pdbx_stereo_config 
_chem_comp_bond.pdbx_ordinal 
ARG N   CA   sing N N 1   
ARG N   H    sing N N 2   
ARG N   H2   sing N N 3   
ARG CA  C    sing N N 4   
ARG CA  CB   sing N N 5   
ARG CA  HA   sing N N 6   
ARG C   O    doub N N 7   
ARG C   OXT  sing N N 8   
ARG CB  CG   sing N N 9   
ARG CB  HB2  sing N N 10  
ARG CB  HB3  sing N N 11  
ARG CG  CD   sing N N 12  
ARG CG  HG2  sing N N 13  
ARG CG  HG3  sing N N 14  
ARG CD  NE   sing N N 15  
ARG CD  HD2  sing N N 16  
ARG CD  HD3  sing N N 17  
ARG NE  CZ   sing N N 18  
ARG NE  HE   sing N N 19  
ARG CZ  NH1  sing N N 20  
ARG CZ  NH2  doub N N 21  
ARG NH1 HH11 sing N N 22  
ARG NH1 HH12 sing N N 23  
ARG NH2 HH21 sing N N 24  
ARG NH2 HH22 sing N N 25  
ARG OXT HXT  sing N N 26  
ASN N   CA   sing N N 27  
ASN N   H    sing N N 28  
ASN N   H2   sing N N 29  
ASN CA  C    sing N N 30  
ASN CA  CB   sing N N 31  
ASN CA  HA   sing N N 32  
ASN C   O    doub N N 33  
ASN C   OXT  sing N N 34  
ASN CB  CG   sing N N 35  
ASN CB  HB2  sing N N 36  
ASN CB  HB3  sing N N 37  
ASN CG  OD1  doub N N 38  
ASN CG  ND2  sing N N 39  
ASN ND2 HD21 sing N N 40  
ASN ND2 HD22 sing N N 41  
ASN OXT HXT  sing N N 42  
ASP N   CA   sing N N 43  
ASP N   H    sing N N 44  
ASP N   H2   sing N N 45  
ASP CA  C    sing N N 46  
ASP CA  CB   sing N N 47  
ASP CA  HA   sing N N 48  
ASP C   O    doub N N 49  
ASP C   OXT  sing N N 50  
ASP CB  CG   sing N N 51  
ASP CB  HB2  sing N N 52  
ASP CB  HB3  sing N N 53  
ASP CG  OD1  doub N N 54  
ASP CG  OD2  sing N N 55  
ASP OD2 HD2  sing N N 56  
ASP OXT HXT  sing N N 57  
CYS N   CA   sing N N 58  
CYS N   H    sing N N 59  
CYS N   H2   sing N N 60  
CYS CA  C    sing N N 61  
CYS CA  CB   sing N N 62  
CYS CA  HA   sing N N 63  
CYS C   O    doub N N 64  
CYS C   OXT  sing N N 65  
CYS CB  SG   sing N N 66  
CYS CB  HB2  sing N N 67  
CYS CB  HB3  sing N N 68  
CYS SG  HG   sing N N 69  
CYS OXT HXT  sing N N 70  
GLN N   CA   sing N N 71  
GLN N   H    sing N N 72  
GLN N   H2   sing N N 73  
GLN CA  C    sing N N 74  
GLN CA  CB   sing N N 75  
GLN CA  HA   sing N N 76  
GLN C   O    doub N N 77  
GLN C   OXT  sing N N 78  
GLN CB  CG   sing N N 79  
GLN CB  HB2  sing N N 80  
GLN CB  HB3  sing N N 81  
GLN CG  CD   sing N N 82  
GLN CG  HG2  sing N N 83  
GLN CG  HG3  sing N N 84  
GLN CD  OE1  doub N N 85  
GLN CD  NE2  sing N N 86  
GLN NE2 HE21 sing N N 87  
GLN NE2 HE22 sing N N 88  
GLN OXT HXT  sing N N 89  
GLU N   CA   sing N N 90  
GLU N   H    sing N N 91  
GLU N   H2   sing N N 92  
GLU CA  C    sing N N 93  
GLU CA  CB   sing N N 94  
GLU CA  HA   sing N N 95  
GLU C   O    doub N N 96  
GLU C   OXT  sing N N 97  
GLU CB  CG   sing N N 98  
GLU CB  HB2  sing N N 99  
GLU CB  HB3  sing N N 100 
GLU CG  CD   sing N N 101 
GLU CG  HG2  sing N N 102 
GLU CG  HG3  sing N N 103 
GLU CD  OE1  doub N N 104 
GLU CD  OE2  sing N N 105 
GLU OE2 HE2  sing N N 106 
GLU OXT HXT  sing N N 107 
HOH O   H1   sing N N 108 
HOH O   H2   sing N N 109 
ILE N   CA   sing N N 110 
ILE N   H    sing N N 111 
ILE N   H2   sing N N 112 
ILE CA  C    sing N N 113 
ILE CA  CB   sing N N 114 
ILE CA  HA   sing N N 115 
ILE C   O    doub N N 116 
ILE C   OXT  sing N N 117 
ILE CB  CG1  sing N N 118 
ILE CB  CG2  sing N N 119 
ILE CB  HB   sing N N 120 
ILE CG1 CD1  sing N N 121 
ILE CG1 HG12 sing N N 122 
ILE CG1 HG13 sing N N 123 
ILE CG2 HG21 sing N N 124 
ILE CG2 HG22 sing N N 125 
ILE CG2 HG23 sing N N 126 
ILE CD1 HD11 sing N N 127 
ILE CD1 HD12 sing N N 128 
ILE CD1 HD13 sing N N 129 
ILE OXT HXT  sing N N 130 
LEU N   CA   sing N N 131 
LEU N   H    sing N N 132 
LEU N   H2   sing N N 133 
LEU CA  C    sing N N 134 
LEU CA  CB   sing N N 135 
LEU CA  HA   sing N N 136 
LEU C   O    doub N N 137 
LEU C   OXT  sing N N 138 
LEU CB  CG   sing N N 139 
LEU CB  HB2  sing N N 140 
LEU CB  HB3  sing N N 141 
LEU CG  CD1  sing N N 142 
LEU CG  CD2  sing N N 143 
LEU CG  HG   sing N N 144 
LEU CD1 HD11 sing N N 145 
LEU CD1 HD12 sing N N 146 
LEU CD1 HD13 sing N N 147 
LEU CD2 HD21 sing N N 148 
LEU CD2 HD22 sing N N 149 
LEU CD2 HD23 sing N N 150 
LEU OXT HXT  sing N N 151 
LYS N   CA   sing N N 152 
LYS N   H    sing N N 153 
LYS N   H2   sing N N 154 
LYS CA  C    sing N N 155 
LYS CA  CB   sing N N 156 
LYS CA  HA   sing N N 157 
LYS C   O    doub N N 158 
LYS C   OXT  sing N N 159 
LYS CB  CG   sing N N 160 
LYS CB  HB2  sing N N 161 
LYS CB  HB3  sing N N 162 
LYS CG  CD   sing N N 163 
LYS CG  HG2  sing N N 164 
LYS CG  HG3  sing N N 165 
LYS CD  CE   sing N N 166 
LYS CD  HD2  sing N N 167 
LYS CD  HD3  sing N N 168 
LYS CE  NZ   sing N N 169 
LYS CE  HE2  sing N N 170 
LYS CE  HE3  sing N N 171 
LYS NZ  HZ1  sing N N 172 
LYS NZ  HZ2  sing N N 173 
LYS NZ  HZ3  sing N N 174 
LYS OXT HXT  sing N N 175 
SO4 S   O1   doub N N 176 
SO4 S   O2   doub N N 177 
SO4 S   O3   sing N N 178 
SO4 S   O4   sing N N 179 
THR N   CA   sing N N 180 
THR N   H    sing N N 181 
THR N   H2   sing N N 182 
THR CA  C    sing N N 183 
THR CA  CB   sing N N 184 
THR CA  HA   sing N N 185 
THR C   O    doub N N 186 
THR C   OXT  sing N N 187 
THR CB  OG1  sing N N 188 
THR CB  CG2  sing N N 189 
THR CB  HB   sing N N 190 
THR OG1 HG1  sing N N 191 
THR CG2 HG21 sing N N 192 
THR CG2 HG22 sing N N 193 
THR CG2 HG23 sing N N 194 
THR OXT HXT  sing N N 195 
TYR N   CA   sing N N 196 
TYR N   H    sing N N 197 
TYR N   H2   sing N N 198 
TYR CA  C    sing N N 199 
TYR CA  CB   sing N N 200 
TYR CA  HA   sing N N 201 
TYR C   O    doub N N 202 
TYR C   OXT  sing N N 203 
TYR CB  CG   sing N N 204 
TYR CB  HB2  sing N N 205 
TYR CB  HB3  sing N N 206 
TYR CG  CD1  doub Y N 207 
TYR CG  CD2  sing Y N 208 
TYR CD1 CE1  sing Y N 209 
TYR CD1 HD1  sing N N 210 
TYR CD2 CE2  doub Y N 211 
TYR CD2 HD2  sing N N 212 
TYR CE1 CZ   doub Y N 213 
TYR CE1 HE1  sing N N 214 
TYR CE2 CZ   sing Y N 215 
TYR CE2 HE2  sing N N 216 
TYR CZ  OH   sing N N 217 
TYR OH  HH   sing N N 218 
TYR OXT HXT  sing N N 219 
VAL N   CA   sing N N 220 
VAL N   H    sing N N 221 
VAL N   H2   sing N N 222 
VAL CA  C    sing N N 223 
VAL CA  CB   sing N N 224 
VAL CA  HA   sing N N 225 
VAL C   O    doub N N 226 
VAL C   OXT  sing N N 227 
VAL CB  CG1  sing N N 228 
VAL CB  CG2  sing N N 229 
VAL CB  HB   sing N N 230 
VAL CG1 HG11 sing N N 231 
VAL CG1 HG12 sing N N 232 
VAL CG1 HG13 sing N N 233 
VAL CG2 HG21 sing N N 234 
VAL CG2 HG22 sing N N 235 
VAL CG2 HG23 sing N N 236 
VAL OXT HXT  sing N N 237 
# 
_atom_sites.entry_id                    5EFM 
_atom_sites.fract_transf_matrix[1][1]   -0.01095392 
_atom_sites.fract_transf_matrix[1][2]   -0.00832073 
_atom_sites.fract_transf_matrix[1][3]   0.00783769 
_atom_sites.fract_transf_matrix[2][1]   -0.01099870 
_atom_sites.fract_transf_matrix[2][2]   0.01062869 
_atom_sites.fract_transf_matrix[2][3]   -0.00408800 
_atom_sites.fract_transf_matrix[3][1]   -0.00311327 
_atom_sites.fract_transf_matrix[3][2]   -0.00827337 
_atom_sites.fract_transf_matrix[3][3]   -0.01313435 
_atom_sites.fract_transf_vector[1]      0.603895 
_atom_sites.fract_transf_vector[2]      0.834596 
_atom_sites.fract_transf_vector[3]      0.028519 
# 
loop_
_atom_type.symbol 
C 
N 
O 
S 
# 
loop_
_atom_site.group_PDB 
_atom_site.id 
_atom_site.type_symbol 
_atom_site.label_atom_id 
_atom_site.label_alt_id 
_atom_site.label_comp_id 
_atom_site.label_asym_id 
_atom_site.label_entity_id 
_atom_site.label_seq_id 
_atom_site.pdbx_PDB_ins_code 
_atom_site.Cartn_x 
_atom_site.Cartn_y 
_atom_site.Cartn_z 
_atom_site.occupancy 
_atom_site.B_iso_or_equiv 
_atom_site.pdbx_formal_charge 
_atom_site.auth_seq_id 
_atom_site.auth_comp_id 
_atom_site.auth_asym_id 
_atom_site.auth_atom_id 
_atom_site.pdbx_PDB_model_num 
ATOM   1   N N   . ASN A 1 17 ? 6.370   8.538   -9.135 1.00 91.06  ? 157 ASN A N   1 
ATOM   2   C CA  . ASN A 1 17 ? 6.042   8.215   -7.749 1.00 80.09  ? 157 ASN A CA  1 
ATOM   3   C C   . ASN A 1 17 ? 6.537   6.833   -7.271 1.00 78.36  ? 157 ASN A C   1 
ATOM   4   O O   . ASN A 1 17 ? 6.820   5.928   -8.066 1.00 63.78  ? 157 ASN A O   1 
ATOM   5   C CB  . ASN A 1 17 ? 4.536   8.387   -7.496 1.00 101.42 ? 157 ASN A CB  1 
ATOM   6   C CG  . ASN A 1 17 ? 4.096   7.841   -6.139 1.00 118.14 ? 157 ASN A CG  1 
ATOM   7   O OD1 . ASN A 1 17 ? 3.645   6.686   -6.040 1.00 77.94  ? 157 ASN A OD1 1 
ATOM   8   N ND2 . ASN A 1 17 ? 4.273   8.646   -5.078 1.00 100.46 ? 157 ASN A ND2 1 
ATOM   9   N N   . GLU A 1 18 ? 6.602   6.710   -5.948 1.00 66.83  ? 158 GLU A N   1 
ATOM   10  C CA  . GLU A 1 18 ? 7.212   5.624   -5.198 1.00 58.15  ? 158 GLU A CA  1 
ATOM   11  C C   . GLU A 1 18 ? 6.280   4.473   -4.772 1.00 56.99  ? 158 GLU A C   1 
ATOM   12  O O   . GLU A 1 18 ? 6.757   3.513   -4.163 1.00 49.46  ? 158 GLU A O   1 
ATOM   13  C CB  . GLU A 1 18 ? 7.711   6.258   -3.913 1.00 95.54  ? 158 GLU A CB  1 
ATOM   14  C CG  . GLU A 1 18 ? 6.558   6.960   -3.178 1.00 79.95  ? 158 GLU A CG  1 
ATOM   15  C CD  . GLU A 1 18 ? 7.032   8.063   -2.267 1.00 118.41 ? 158 GLU A CD  1 
ATOM   16  O OE1 . GLU A 1 18 ? 7.994   7.824   -1.493 1.00 90.33  ? 158 GLU A OE1 1 
ATOM   17  O OE2 . GLU A 1 18 ? 6.444   9.169   -2.342 1.00 115.35 ? 158 GLU A OE2 1 
ATOM   18  N N   . CYS A 1 19 ? 4.972   4.588   -5.029 1.00 47.77  ? 159 CYS A N   1 
ATOM   19  C CA  . CYS A 1 19 ? 3.977   3.587   -4.592 1.00 38.54  ? 159 CYS A CA  1 
ATOM   20  C C   . CYS A 1 19 ? 3.907   3.385   -3.083 1.00 40.36  ? 159 CYS A C   1 
ATOM   21  O O   . CYS A 1 19 ? 3.530   2.306   -2.617 1.00 38.70  ? 159 CYS A O   1 
ATOM   22  C CB  . CYS A 1 19 ? 4.245   2.213   -5.221 1.00 41.66  ? 159 CYS A CB  1 
ATOM   23  S SG  . CYS A 1 19 ? 4.109   2.136   -7.012 1.00 46.02  ? 159 CYS A SG  1 
ATOM   24  N N   . GLN A 1 20 ? 4.292   4.397   -2.316 1.00 49.82  ? 160 GLN A N   1 
ATOM   25  C CA  . GLN A 1 20 ? 4.361   4.241   -0.868 1.00 50.53  ? 160 GLN A CA  1 
ATOM   26  C C   . GLN A 1 20 ? 2.966   4.055   -0.260 1.00 43.83  ? 160 GLN A C   1 
ATOM   27  O O   . GLN A 1 20 ? 2.710   3.144   0.562  1.00 45.91  ? 160 GLN A O   1 
ATOM   28  C CB  . GLN A 1 20 ? 5.064   5.447   -0.247 1.00 48.85  ? 160 GLN A CB  1 
ATOM   29  C CG  . GLN A 1 20 ? 5.186   5.353   1.267  1.00 81.98  ? 160 GLN A CG  1 
ATOM   30  C CD  . GLN A 1 20 ? 5.804   6.587   1.885  1.00 94.37  ? 160 GLN A CD  1 
ATOM   31  O OE1 . GLN A 1 20 ? 5.279   7.697   1.754  1.00 91.74  ? 160 GLN A OE1 1 
ATOM   32  N NE2 . GLN A 1 20 ? 6.932   6.403   2.562  1.00 91.53  ? 160 GLN A NE2 1 
ATOM   33  N N   . ASN A 1 21 ? 2.044   4.907   -0.678 1.00 40.15  ? 161 ASN A N   1 
ATOM   34  C CA  . ASN A 1 21 ? 0.719   4.804   -0.128 1.00 45.26  ? 161 ASN A CA  1 
ATOM   35  C C   . ASN A 1 21 ? 0.025   3.536   -0.616 1.00 42.30  ? 161 ASN A C   1 
ATOM   36  O O   . ASN A 1 21 ? -0.595  2.821   0.175  1.00 41.69  ? 161 ASN A O   1 
ATOM   37  C CB  . ASN A 1 21 ? -0.113  6.053   -0.397 1.00 46.32  ? 161 ASN A CB  1 
ATOM   38  C CG  . ASN A 1 21 ? -1.511  5.929   0.179  1.00 91.69  ? 161 ASN A CG  1 
ATOM   39  O OD1 . ASN A 1 21 ? -1.701  5.987   1.401  1.00 89.16  ? 161 ASN A OD1 1 
ATOM   40  N ND2 . ASN A 1 21 ? -2.497  5.711   -0.697 1.00 77.24  ? 161 ASN A ND2 1 
ATOM   41  N N   . TYR A 1 22 ? 0.158   3.238   -1.906 1.00 41.83  ? 162 TYR A N   1 
ATOM   42  C CA  . TYR A 1 22 ? -0.360  1.982   -2.434 1.00 35.62  ? 162 TYR A CA  1 
ATOM   43  C C   . TYR A 1 22 ? 0.107   0.791   -1.605 1.00 38.23  ? 162 TYR A C   1 
ATOM   44  O O   . TYR A 1 22 ? -0.685  -0.089  -1.271 1.00 36.50  ? 162 TYR A O   1 
ATOM   45  C CB  . TYR A 1 22 ? 0.114   1.793   -3.864 1.00 36.91  ? 162 TYR A CB  1 
ATOM   46  C CG  . TYR A 1 22 ? -0.347  0.502   -4.501 1.00 36.99  ? 162 TYR A CG  1 
ATOM   47  C CD1 . TYR A 1 22 ? 0.345   -0.690  -4.298 1.00 35.79  ? 162 TYR A CD1 1 
ATOM   48  C CD2 . TYR A 1 22 ? -1.459  0.480   -5.331 1.00 37.52  ? 162 TYR A CD2 1 
ATOM   49  C CE1 . TYR A 1 22 ? -0.065  -1.869  -4.889 1.00 35.18  ? 162 TYR A CE1 1 
ATOM   50  C CE2 . TYR A 1 22 ? -1.881  -0.694  -5.929 1.00 38.15  ? 162 TYR A CE2 1 
ATOM   51  C CZ  . TYR A 1 22 ? -1.184  -1.864  -5.705 1.00 41.87  ? 162 TYR A CZ  1 
ATOM   52  O OH  . TYR A 1 22 ? -1.620  -3.026  -6.303 1.00 40.40  ? 162 TYR A OH  1 
ATOM   53  N N   . LYS A 1 23 ? 1.394   0.747   -1.276 1.00 41.86  ? 163 LYS A N   1 
ATOM   54  C CA  . LYS A 1 23 ? 1.915   -0.393  -0.524 1.00 39.99  ? 163 LYS A CA  1 
ATOM   55  C C   . LYS A 1 23 ? 1.362   -0.429  0.885  1.00 37.17  ? 163 LYS A C   1 
ATOM   56  O O   . LYS A 1 23 ? 1.073   -1.499  1.429  1.00 38.78  ? 163 LYS A O   1 
ATOM   57  C CB  . LYS A 1 23 ? 3.440   -0.393  -0.502 1.00 35.27  ? 163 LYS A CB  1 
ATOM   58  C CG  . LYS A 1 23 ? 4.049   -0.775  -1.838 1.00 41.72  ? 163 LYS A CG  1 
ATOM   59  C CD  . LYS A 1 23 ? 5.550   -0.955  -1.744 1.00 40.53  ? 163 LYS A CD  1 
ATOM   60  C CE  . LYS A 1 23 ? 6.258   0.345   -1.504 1.00 41.60  ? 163 LYS A CE  1 
ATOM   61  N NZ  . LYS A 1 23 ? 7.721   0.087   -1.388 1.00 44.29  ? 163 LYS A NZ  1 
ATOM   62  N N   A ARG A 1 24 ? 1.213   0.747   1.498  0.57 40.91  ? 164 ARG A N   1 
ATOM   63  N N   B ARG A 1 24 ? 1.218   0.752   1.481  0.43 40.93  ? 164 ARG A N   1 
ATOM   64  C CA  A ARG A 1 24 ? 0.631   0.789   2.833  0.57 41.49  ? 164 ARG A CA  1 
ATOM   65  C CA  B ARG A 1 24 ? 0.636   0.853   2.806  0.43 41.56  ? 164 ARG A CA  1 
ATOM   66  C C   A ARG A 1 24 ? -0.780  0.198   2.799  0.57 42.90  ? 164 ARG A C   1 
ATOM   67  C C   B ARG A 1 24 ? -0.769  0.231   2.805  0.43 42.89  ? 164 ARG A C   1 
ATOM   68  O O   A ARG A 1 24 ? -1.114  -0.692  3.591  0.57 41.57  ? 164 ARG A O   1 
ATOM   69  O O   B ARG A 1 24 ? -1.082  -0.650  3.621  0.43 41.62  ? 164 ARG A O   1 
ATOM   70  C CB  A ARG A 1 24 ? 0.630   2.219   3.386  0.57 45.10  ? 164 ARG A CB  1 
ATOM   71  C CB  B ARG A 1 24 ? 0.601   2.326   3.214  0.43 45.48  ? 164 ARG A CB  1 
ATOM   72  C CG  A ARG A 1 24 ? -0.200  2.418   4.661  0.57 56.13  ? 164 ARG A CG  1 
ATOM   73  C CG  B ARG A 1 24 ? 0.020   2.622   4.579  0.43 55.87  ? 164 ARG A CG  1 
ATOM   74  C CD  A ARG A 1 24 ? -0.168  3.890   5.095  0.57 62.51  ? 164 ARG A CD  1 
ATOM   75  C CD  B ARG A 1 24 ? 0.084   4.122   4.839  0.43 62.07  ? 164 ARG A CD  1 
ATOM   76  N NE  A ARG A 1 24 ? -1.168  4.244   6.105  0.57 55.38  ? 164 ARG A NE  1 
ATOM   77  N NE  B ARG A 1 24 ? 1.456   4.622   4.757  0.43 60.41  ? 164 ARG A NE  1 
ATOM   78  C CZ  A ARG A 1 24 ? -2.242  4.992   5.863  0.57 48.54  ? 164 ARG A CZ  1 
ATOM   79  C CZ  B ARG A 1 24 ? 1.865   5.602   3.955  0.43 51.78  ? 164 ARG A CZ  1 
ATOM   80  N NH1 A ARG A 1 24 ? -2.471  5.469   4.644  0.57 46.54  ? 164 ARG A NH1 1 
ATOM   81  N NH1 B ARG A 1 24 ? 1.011   6.220   3.142  0.43 45.27  ? 164 ARG A NH1 1 
ATOM   82  N NH2 A ARG A 1 24 ? -3.086  5.267   6.845  0.57 49.07  ? 164 ARG A NH2 1 
ATOM   83  N NH2 B ARG A 1 24 ? 3.137   5.970   3.975  0.43 48.95  ? 164 ARG A NH2 1 
ATOM   84  N N   . CYS A 1 25 ? -1.594  0.667   1.864  1.00 37.40  ? 165 CYS A N   1 
ATOM   85  C CA  . CYS A 1 25 ? -2.960  0.170   1.748  1.00 35.00  ? 165 CYS A CA  1 
ATOM   86  C C   . CYS A 1 25 ? -3.002  -1.321  1.454  1.00 41.45  ? 165 CYS A C   1 
ATOM   87  O O   . CYS A 1 25 ? -3.817  -2.051  2.007  1.00 39.28  ? 165 CYS A O   1 
ATOM   88  C CB  . CYS A 1 25 ? -3.720  0.940   0.669  1.00 32.77  ? 165 CYS A CB  1 
ATOM   89  S SG  . CYS A 1 25 ? -3.932  2.676   1.099  1.00 46.61  ? 165 CYS A SG  1 
ATOM   90  N N   . LEU A 1 26 ? -2.118  -1.779  0.581  1.00 40.20  ? 166 LEU A N   1 
ATOM   91  C CA  . LEU A 1 26 ? -2.065  -3.196  0.256  1.00 34.17  ? 166 LEU A CA  1 
ATOM   92  C C   . LEU A 1 26 ? -1.754  -4.016  1.508  1.00 41.59  ? 166 LEU A C   1 
ATOM   93  O O   . LEU A 1 26 ? -2.390  -5.034  1.759  1.00 40.85  ? 166 LEU A O   1 
ATOM   94  C CB  . LEU A 1 26 ? -1.001  -3.437  -0.801 1.00 37.18  ? 166 LEU A CB  1 
ATOM   95  C CG  . LEU A 1 26 ? -0.634  -4.890  -1.047 1.00 37.75  ? 166 LEU A CG  1 
ATOM   96  C CD1 . LEU A 1 26 ? -1.832  -5.648  -1.559 1.00 34.62  ? 166 LEU A CD1 1 
ATOM   97  C CD2 . LEU A 1 26 ? 0.505   -4.956  -2.035 1.00 38.69  ? 166 LEU A CD2 1 
ATOM   98  N N   . GLU A 1 27 ? -0.775  -3.570  2.294  1.00 44.55  ? 167 GLU A N   1 
ATOM   99  C CA  . GLU A 1 27 ? -0.433  -4.268  3.532  1.00 42.16  ? 167 GLU A CA  1 
ATOM   100 C C   . GLU A 1 27 ? -1.615  -4.275  4.517  1.00 45.29  ? 167 GLU A C   1 
ATOM   101 O O   . GLU A 1 27 ? -1.932  -5.308  5.101  1.00 43.17  ? 167 GLU A O   1 
ATOM   102 C CB  . GLU A 1 27 ? 0.815   -3.650  4.179  1.00 46.60  ? 167 GLU A CB  1 
ATOM   103 C CG  . GLU A 1 27 ? 1.342   -4.398  5.422  1.00 91.67  ? 167 GLU A CG  1 
ATOM   104 C CD  . GLU A 1 27 ? 2.237   -3.525  6.318  1.00 132.28 ? 167 GLU A CD  1 
ATOM   105 O OE1 . GLU A 1 27 ? 2.947   -4.081  7.187  1.00 123.07 ? 167 GLU A OE1 1 
ATOM   106 O OE2 . GLU A 1 27 ? 2.228   -2.283  6.163  1.00 112.91 ? 167 GLU A OE2 1 
ATOM   107 N N   . ILE A 1 28 ? -2.280  -3.138  4.698  1.00 43.22  ? 168 ILE A N   1 
ATOM   108 C CA  . ILE A 1 28 ? -3.408  -3.121  5.633  1.00 36.60  ? 168 ILE A CA  1 
ATOM   109 C C   . ILE A 1 28 ? -4.595  -3.971  5.173  1.00 40.52  ? 168 ILE A C   1 
ATOM   110 O O   . ILE A 1 28 ? -5.106  -4.793  5.921  1.00 40.06  ? 168 ILE A O   1 
ATOM   111 C CB  . ILE A 1 28 ? -3.883  -1.704  5.907  1.00 36.36  ? 168 ILE A CB  1 
ATOM   112 C CG1 . ILE A 1 28 ? -2.777  -0.920  6.596  1.00 39.70  ? 168 ILE A CG1 1 
ATOM   113 C CG2 . ILE A 1 28 ? -5.129  -1.727  6.768  1.00 37.01  ? 168 ILE A CG2 1 
ATOM   114 C CD1 . ILE A 1 28 ? -3.052  0.554   6.689  1.00 41.22  ? 168 ILE A CD1 1 
ATOM   115 N N   . LEU A 1 29 ? -5.008  -3.800  3.925  1.00 40.57  ? 169 LEU A N   1 
ATOM   116 C CA  . LEU A 1 29 ? -6.206  -4.459  3.422  1.00 37.48  ? 169 LEU A CA  1 
ATOM   117 C C   . LEU A 1 29 ? -5.962  -5.886  3.013  1.00 40.05  ? 169 LEU A C   1 
ATOM   118 O O   . LEU A 1 29 ? -6.904  -6.646  2.835  1.00 44.18  ? 169 LEU A O   1 
ATOM   119 C CB  . LEU A 1 29 ? -6.771  -3.706  2.223  1.00 36.01  ? 169 LEU A CB  1 
ATOM   120 C CG  . LEU A 1 29 ? -7.415  -2.374  2.598  1.00 36.25  ? 169 LEU A CG  1 
ATOM   121 C CD1 . LEU A 1 29 ? -7.544  -1.443  1.402  1.00 35.47  ? 169 LEU A CD1 1 
ATOM   122 C CD2 . LEU A 1 29 ? -8.755  -2.640  3.218  1.00 36.31  ? 169 LEU A CD2 1 
ATOM   123 N N   . GLU A 1 30 ? -4.701  -6.236  2.816  1.00 48.02  ? 170 GLU A N   1 
ATOM   124 C CA  . GLU A 1 30 ? -4.337  -7.582  2.388  1.00 50.27  ? 170 GLU A CA  1 
ATOM   125 C C   . GLU A 1 30 ? -4.982  -7.986  1.065  1.00 47.81  ? 170 GLU A C   1 
ATOM   126 O O   . GLU A 1 30 ? -5.220  -9.162  0.800  1.00 63.47  ? 170 GLU A O   1 
ATOM   127 C CB  . GLU A 1 30 ? -4.647  -8.597  3.490  1.00 42.04  ? 170 GLU A CB  1 
ATOM   128 C CG  . GLU A 1 30 ? -3.861  -8.320  4.759  1.00 70.49  ? 170 GLU A CG  1 
ATOM   129 C CD  . GLU A 1 30 ? -4.182  -9.294  5.873  1.00 85.92  ? 170 GLU A CD  1 
ATOM   130 O OE1 . GLU A 1 30 ? -4.817  -10.335 5.589  1.00 85.40  ? 170 GLU A OE1 1 
ATOM   131 O OE2 . GLU A 1 30 ? -3.797  -9.010  7.031  1.00 73.03  ? 170 GLU A OE2 1 
ATOM   132 N N   . GLN A 1 31 ? -5.277  -6.996  0.240  1.00 52.92  ? 171 GLN A N   1 
ATOM   133 C CA  . GLN A 1 31 ? -5.723  -7.244  -1.123 1.00 64.23  ? 171 GLN A CA  1 
ATOM   134 C C   . GLN A 1 31 ? -5.488  -5.994  -1.976 1.00 64.38  ? 171 GLN A C   1 
ATOM   135 O O   . GLN A 1 31 ? -5.511  -6.040  -3.210 1.00 57.29  ? 171 GLN A O   1 
ATOM   136 C CB  . GLN A 1 31 ? -7.192  -7.685  -1.163 1.00 52.46  ? 171 GLN A CB  1 
ATOM   137 C CG  . GLN A 1 31 ? -8.123  -6.802  -0.379 1.00 62.51  ? 171 GLN A CG  1 
ATOM   138 C CD  . GLN A 1 31 ? -9.570  -7.143  -0.637 1.00 90.46  ? 171 GLN A CD  1 
ATOM   139 O OE1 . GLN A 1 31 ? -9.884  -7.888  -1.576 1.00 74.31  ? 171 GLN A OE1 1 
ATOM   140 N NE2 . GLN A 1 31 ? -10.466 -6.604  0.194  1.00 67.16  ? 171 GLN A NE2 1 
ATOM   141 O OXT . GLN A 1 31 ? -5.251  -4.899  -1.444 1.00 51.83  ? 171 GLN A OXT 1 
HETATM 142 S S   . SO4 B 2 .  ? -3.137  4.599   -4.750 0.18 60.16  ? 201 SO4 A S   1 
HETATM 143 O O1  . SO4 B 2 .  ? -4.395  5.237   -5.144 0.18 51.29  ? 201 SO4 A O1  1 
HETATM 144 O O2  . SO4 B 2 .  ? -2.788  4.986   -3.381 0.18 51.29  ? 201 SO4 A O2  1 
HETATM 145 O O3  . SO4 B 2 .  ? -3.301  3.151   -4.807 0.18 51.09  ? 201 SO4 A O3  1 
HETATM 146 O O4  . SO4 B 2 .  ? -2.068  4.995   -5.669 0.18 51.29  ? 201 SO4 A O4  1 
HETATM 147 O O   . HOH C 3 .  ? 4.733   2.302   2.154  1.00 57.37  ? 301 HOH A O   1 
HETATM 148 O O   . HOH C 3 .  ? 7.992   2.984   -1.712 1.00 53.94  ? 302 HOH A O   1 
HETATM 149 O O   . HOH C 3 .  ? 1.051   5.148   -3.824 1.00 37.49  ? 303 HOH A O   1 
HETATM 150 O O   . HOH C 3 .  ? -0.458  -7.795  5.452  1.00 60.82  ? 304 HOH A O   1 
HETATM 151 O O   . HOH C 3 .  ? -9.768  -6.008  3.274  1.00 62.25  ? 305 HOH A O   1 
HETATM 152 O O   . HOH C 3 .  ? -4.122  -4.205  -5.145 0.33 44.83  ? 306 HOH A O   1 
HETATM 153 O O   . HOH C 3 .  ? 3.037   -3.848  1.028  1.00 63.80  ? 307 HOH A O   1 
HETATM 154 O O   . HOH C 3 .  ? 2.428   7.528   -2.682 1.00 56.30  ? 308 HOH A O   1 
# 
